data_3CBU
#
_entry.id   3CBU
#
_cell.length_a   106.840
_cell.length_b   106.840
_cell.length_c   113.620
_cell.angle_alpha   90.000
_cell.angle_beta   90.000
_cell.angle_gamma   90.000
#
_symmetry.space_group_name_H-M   'P 43 2 2'
#
loop_
_entity.id
_entity.type
_entity.pdbx_description
1 polymer 'Probable gst-related protein'
2 non-polymer 'PHOSPHATE ION'
3 non-polymer 1,2-ETHANEDIOL
4 water water
#
_entity_poly.entity_id   1
_entity_poly.type   'polypeptide(L)'
_entity_poly.pdbx_seq_one_letter_code
;G(MSE)LKLCGFAASNYYNKVKLALLEKNVPFEEVLAWIGETDTTATPAGKVPY(MSE)ITESGSLCESEVINEYLEAAY
PQTPLLPRDP(MSE)QAGKVREIVTFLELYLELTARELYPEAFFGGKVSDNVKERQLKLLSRYVPAFAKLAKFSPYVAGD
TFTLADCAAAVHLPLVSSCTKIIYGKDLLADLPVKEYLKTLSERPSVQKVNADRKANTEL(MSE)LSRNK
;
_entity_poly.pdbx_strand_id   A,B
#
# COMPACT_ATOMS: atom_id res chain seq x y z
N LEU A 3 16.88 -12.91 -13.25
CA LEU A 3 16.36 -11.80 -12.47
C LEU A 3 17.19 -11.61 -11.23
N LYS A 4 17.43 -10.34 -10.93
CA LYS A 4 18.23 -9.93 -9.80
C LYS A 4 17.30 -9.37 -8.78
N LEU A 5 17.37 -9.95 -7.58
CA LEU A 5 16.74 -9.38 -6.37
C LEU A 5 17.79 -8.62 -5.59
N CYS A 6 17.53 -7.31 -5.46
CA CYS A 6 18.49 -6.40 -4.90
C CYS A 6 18.04 -5.82 -3.60
N GLY A 7 19.00 -5.80 -2.70
CA GLY A 7 18.83 -5.29 -1.33
C GLY A 7 19.67 -6.04 -0.34
N PHE A 8 19.06 -6.38 0.77
CA PHE A 8 19.71 -7.09 1.81
C PHE A 8 18.75 -7.91 2.65
N ALA A 9 19.18 -9.12 3.00
CA ALA A 9 18.30 -10.08 3.71
C ALA A 9 17.88 -9.64 5.13
N ALA A 10 18.43 -8.53 5.65
CA ALA A 10 17.93 -8.02 6.93
C ALA A 10 16.59 -7.28 6.72
N SER A 11 16.23 -7.03 5.47
CA SER A 11 14.96 -6.34 5.11
C SER A 11 13.82 -7.33 5.01
N ASN A 12 12.76 -7.03 5.75
CA ASN A 12 11.54 -7.87 5.71
C ASN A 12 10.84 -7.80 4.38
N TYR A 13 10.80 -6.63 3.77
CA TYR A 13 10.17 -6.53 2.44
C TYR A 13 10.94 -7.27 1.35
N TYR A 14 12.27 -7.30 1.48
CA TYR A 14 13.17 -8.10 0.64
C TYR A 14 12.83 -9.56 0.82
N ASN A 15 12.66 -9.98 2.08
CA ASN A 15 12.40 -11.39 2.36
C ASN A 15 11.03 -11.87 1.86
N LYS A 16 10.11 -10.94 1.78
CA LYS A 16 8.74 -11.22 1.26
C LYS A 16 8.82 -11.66 -0.19
N VAL A 17 9.66 -10.96 -0.94
CA VAL A 17 9.84 -11.25 -2.37
C VAL A 17 10.63 -12.52 -2.51
N LYS A 18 11.67 -12.66 -1.69
CA LYS A 18 12.54 -13.83 -1.73
C LYS A 18 11.69 -15.08 -1.49
N LEU A 19 10.79 -14.99 -0.53
CA LEU A 19 9.91 -16.13 -0.22
C LEU A 19 9.06 -16.51 -1.44
N ALA A 20 8.48 -15.51 -2.10
CA ALA A 20 7.68 -15.76 -3.29
C ALA A 20 8.51 -16.42 -4.37
N LEU A 21 9.72 -15.89 -4.58
CA LEU A 21 10.58 -16.43 -5.63
C LEU A 21 10.90 -17.89 -5.36
N LEU A 22 11.19 -18.17 -4.10
CA LEU A 22 11.62 -19.52 -3.72
C LEU A 22 10.44 -20.48 -3.83
N GLU A 23 9.29 -20.06 -3.33
CA GLU A 23 8.09 -20.90 -3.38
C GLU A 23 7.66 -21.22 -4.79
N LYS A 24 7.96 -20.31 -5.71
CA LYS A 24 7.48 -20.45 -7.11
C LYS A 24 8.53 -21.05 -7.99
N ASN A 25 9.68 -21.31 -7.40
CA ASN A 25 10.82 -21.86 -8.10
C ASN A 25 11.29 -21.03 -9.26
N VAL A 26 11.17 -19.74 -9.09
CA VAL A 26 11.73 -18.80 -10.07
C VAL A 26 13.23 -18.62 -9.81
N PRO A 27 14.08 -18.84 -10.83
CA PRO A 27 15.50 -18.61 -10.65
C PRO A 27 15.76 -17.13 -10.44
N PHE A 28 16.69 -16.86 -9.54
CA PHE A 28 17.09 -15.49 -9.27
C PHE A 28 18.48 -15.42 -8.64
N GLU A 29 19.10 -14.27 -8.83
CA GLU A 29 20.36 -13.88 -8.23
C GLU A 29 20.08 -12.82 -7.18
N GLU A 30 20.64 -13.02 -6.01
CA GLU A 30 20.62 -12.02 -4.95
C GLU A 30 21.78 -11.07 -5.09
N VAL A 31 21.49 -9.78 -5.01
CA VAL A 31 22.48 -8.72 -5.09
C VAL A 31 22.42 -7.90 -3.82
N LEU A 32 23.55 -7.83 -3.13
CA LEU A 32 23.67 -7.03 -1.88
C LEU A 32 23.83 -5.60 -2.30
N ALA A 33 22.82 -4.82 -1.98
CA ALA A 33 22.81 -3.38 -2.21
C ALA A 33 22.30 -2.73 -0.91
N TRP A 34 23.23 -2.21 -0.13
CA TRP A 34 22.90 -1.49 1.10
C TRP A 34 22.20 -0.19 0.79
N ILE A 35 21.45 0.32 1.76
CA ILE A 35 20.82 1.63 1.62
C ILE A 35 21.94 2.63 1.37
N GLY A 36 21.74 3.53 0.42
CA GLY A 36 22.77 4.46 -0.02
C GLY A 36 23.69 3.91 -1.12
N GLU A 37 23.52 2.64 -1.44
CA GLU A 37 24.34 2.03 -2.46
C GLU A 37 23.50 1.36 -3.50
N THR A 38 22.28 1.84 -3.60
CA THR A 38 21.31 1.30 -4.54
C THR A 38 21.39 1.99 -5.90
N ASP A 39 20.82 1.30 -6.86
CA ASP A 39 20.66 1.76 -8.24
C ASP A 39 19.44 2.67 -8.41
N THR A 40 19.69 3.95 -8.52
CA THR A 40 18.63 4.92 -8.38
C THR A 40 17.80 4.99 -9.63
N THR A 41 18.23 4.30 -10.67
CA THR A 41 17.43 4.22 -11.87
C THR A 41 16.45 3.09 -11.68
N ALA A 42 16.78 2.08 -10.88
CA ALA A 42 15.86 0.96 -10.63
C ALA A 42 14.93 1.26 -9.45
N THR A 43 15.46 2.05 -8.52
CA THR A 43 14.78 2.41 -7.28
C THR A 43 14.96 3.89 -6.96
N PRO A 44 14.05 4.74 -7.54
CA PRO A 44 14.29 6.19 -7.53
C PRO A 44 14.30 6.83 -6.15
N ALA A 45 13.70 6.19 -5.17
CA ALA A 45 13.75 6.73 -3.84
C ALA A 45 14.72 5.95 -2.95
N GLY A 46 15.54 5.09 -3.56
CA GLY A 46 16.59 4.38 -2.83
C GLY A 46 16.06 3.29 -1.88
N LYS A 47 14.84 2.83 -2.13
CA LYS A 47 14.26 1.78 -1.29
C LYS A 47 14.65 0.39 -1.77
N VAL A 48 14.69 -0.55 -0.83
CA VAL A 48 14.83 -1.96 -1.19
C VAL A 48 13.58 -2.69 -0.69
N PRO A 49 13.20 -3.79 -1.34
CA PRO A 49 13.94 -4.35 -2.46
C PRO A 49 13.59 -3.75 -3.80
N TYR A 50 14.43 -4.10 -4.75
CA TYR A 50 14.08 -3.86 -6.14
C TYR A 50 14.54 -5.00 -6.98
N ILE A 52 15.59 -6.29 -10.94
CA ILE A 52 16.09 -5.96 -12.26
C ILE A 52 16.01 -7.18 -13.13
N THR A 53 15.30 -7.03 -14.25
CA THR A 53 15.26 -8.03 -15.28
C THR A 53 15.70 -7.42 -16.61
N GLU A 54 15.68 -8.26 -17.64
CA GLU A 54 16.10 -7.86 -18.97
C GLU A 54 15.10 -6.81 -19.46
N SER A 55 13.85 -7.05 -19.15
CA SER A 55 12.73 -6.22 -19.63
C SER A 55 12.45 -4.99 -18.79
N GLY A 56 13.17 -4.82 -17.69
CA GLY A 56 12.94 -3.66 -16.86
C GLY A 56 13.14 -3.88 -15.39
N SER A 57 12.78 -2.87 -14.63
CA SER A 57 13.00 -2.92 -13.19
C SER A 57 11.72 -2.54 -12.47
N LEU A 58 11.56 -3.11 -11.26
CA LEU A 58 10.48 -2.74 -10.36
C LEU A 58 11.02 -2.55 -8.96
N CYS A 59 10.50 -1.54 -8.27
CA CYS A 59 11.04 -1.16 -6.98
C CYS A 59 10.09 -1.12 -5.78
N GLU A 60 9.02 -1.88 -5.83
CA GLU A 60 8.13 -2.00 -4.62
C GLU A 60 7.76 -3.46 -4.50
N SER A 61 7.95 -4.02 -3.30
CA SER A 61 7.86 -5.44 -3.05
C SER A 61 6.55 -6.08 -3.47
N GLU A 62 5.41 -5.42 -3.26
CA GLU A 62 4.14 -6.05 -3.61
C GLU A 62 3.90 -5.98 -5.11
N VAL A 63 4.44 -4.93 -5.71
CA VAL A 63 4.38 -4.76 -7.15
C VAL A 63 5.18 -5.92 -7.81
N ILE A 64 6.34 -6.20 -7.23
CA ILE A 64 7.21 -7.31 -7.66
C ILE A 64 6.46 -8.62 -7.57
N ASN A 65 5.83 -8.85 -6.43
CA ASN A 65 5.16 -10.13 -6.20
C ASN A 65 3.96 -10.25 -7.15
N GLU A 66 3.26 -9.15 -7.42
CA GLU A 66 2.20 -9.19 -8.42
C GLU A 66 2.78 -9.50 -9.81
N TYR A 67 3.95 -8.93 -10.08
CA TYR A 67 4.63 -9.22 -11.38
C TYR A 67 4.99 -10.70 -11.46
N LEU A 68 5.54 -11.22 -10.38
CA LEU A 68 5.89 -12.66 -10.36
C LEU A 68 4.68 -13.57 -10.62
N GLU A 69 3.54 -13.19 -10.05
CA GLU A 69 2.33 -13.95 -10.23
C GLU A 69 1.94 -13.96 -11.70
N ALA A 70 2.09 -12.79 -12.33
CA ALA A 70 1.64 -12.60 -13.70
C ALA A 70 2.67 -13.19 -14.69
N ALA A 71 3.97 -13.07 -14.37
CA ALA A 71 5.04 -13.48 -15.30
C ALA A 71 5.32 -14.96 -15.20
N TYR A 72 5.00 -15.54 -14.05
CA TYR A 72 5.37 -16.94 -13.73
C TYR A 72 4.18 -17.72 -13.21
N PRO A 73 3.32 -18.17 -14.13
CA PRO A 73 2.02 -18.69 -13.69
C PRO A 73 2.02 -20.14 -13.21
N GLN A 74 3.17 -20.81 -13.31
CA GLN A 74 3.20 -22.24 -13.08
C GLN A 74 2.81 -22.66 -11.66
N THR A 75 3.35 -21.94 -10.67
CA THR A 75 2.98 -22.19 -9.25
C THR A 75 2.31 -20.96 -8.65
N PRO A 76 0.99 -20.85 -8.82
CA PRO A 76 0.34 -19.66 -8.38
C PRO A 76 0.29 -19.54 -6.86
N LEU A 77 0.43 -18.33 -6.39
CA LEU A 77 0.37 -18.02 -4.95
C LEU A 77 -0.86 -17.19 -4.64
N LEU A 78 -1.70 -17.03 -5.64
CA LEU A 78 -3.03 -16.40 -5.44
C LEU A 78 -4.08 -17.35 -5.96
N PRO A 79 -5.24 -17.45 -5.29
CA PRO A 79 -6.37 -18.19 -5.81
C PRO A 79 -6.85 -17.63 -7.13
N ARG A 80 -7.56 -18.46 -7.86
CA ARG A 80 -8.04 -18.10 -9.20
C ARG A 80 -9.28 -17.22 -9.14
N ASP A 81 -10.16 -17.58 -8.23
CA ASP A 81 -11.41 -16.85 -8.05
C ASP A 81 -11.12 -15.41 -7.65
N PRO A 82 -11.74 -14.45 -8.34
CA PRO A 82 -11.44 -13.04 -8.05
C PRO A 82 -11.69 -12.62 -6.60
N GLN A 84 -11.77 -14.63 -3.91
CA GLN A 84 -10.84 -15.30 -3.01
C GLN A 84 -9.46 -14.64 -3.09
N ALA A 85 -9.05 -14.26 -4.28
CA ALA A 85 -7.76 -13.61 -4.47
C ALA A 85 -7.82 -12.25 -3.75
N GLY A 86 -8.99 -11.62 -3.82
CA GLY A 86 -9.25 -10.36 -3.11
C GLY A 86 -9.03 -10.46 -1.61
N LYS A 87 -9.49 -11.56 -1.03
CA LYS A 87 -9.39 -11.77 0.41
C LYS A 87 -7.92 -11.98 0.84
N VAL A 88 -7.15 -12.58 -0.05
CA VAL A 88 -5.69 -12.71 0.17
C VAL A 88 -5.04 -11.34 0.13
N ARG A 89 -5.38 -10.57 -0.89
CA ARG A 89 -4.76 -9.24 -1.08
C ARG A 89 -5.10 -8.30 0.04
N GLU A 90 -6.30 -8.48 0.56
CA GLU A 90 -6.82 -7.66 1.64
C GLU A 90 -5.97 -7.92 2.92
N ILE A 91 -5.67 -9.19 3.16
CA ILE A 91 -4.85 -9.58 4.31
C ILE A 91 -3.45 -8.97 4.17
N VAL A 92 -2.86 -9.07 2.97
CA VAL A 92 -1.55 -8.43 2.71
C VAL A 92 -1.57 -6.93 2.98
N THR A 93 -2.59 -6.27 2.47
CA THR A 93 -2.60 -4.83 2.49
C THR A 93 -2.78 -4.37 3.93
N PHE A 94 -3.60 -5.13 4.64
CA PHE A 94 -4.02 -4.69 5.95
C PHE A 94 -2.82 -4.78 6.85
N LEU A 95 -2.22 -5.93 6.74
CA LEU A 95 -0.93 -6.23 7.31
C LEU A 95 0.17 -5.16 7.15
N GLU A 96 0.35 -4.67 5.92
CA GLU A 96 1.53 -3.85 5.57
C GLU A 96 1.20 -2.44 5.90
N LEU A 97 0.03 -2.02 5.44
CA LEU A 97 -0.42 -0.64 5.64
C LEU A 97 -0.67 -0.34 7.09
N TYR A 98 -1.26 -1.28 7.81
CA TYR A 98 -1.75 -0.94 9.13
C TYR A 98 -0.96 -1.53 10.29
N LEU A 99 -0.29 -2.64 10.06
CA LEU A 99 0.56 -3.22 11.11
C LEU A 99 2.01 -2.85 10.86
N GLU A 100 2.52 -3.22 9.70
CA GLU A 100 3.98 -3.05 9.47
C GLU A 100 4.36 -1.56 9.45
N LEU A 101 3.67 -0.78 8.62
CA LEU A 101 4.01 0.65 8.47
C LEU A 101 3.73 1.43 9.75
N THR A 102 2.74 0.98 10.52
CA THR A 102 2.47 1.62 11.78
C THR A 102 3.64 1.42 12.73
N ALA A 103 4.05 0.17 12.84
CA ALA A 103 5.19 -0.23 13.68
C ALA A 103 6.49 0.39 13.20
N ARG A 104 6.62 0.53 11.89
CA ARG A 104 7.87 1.04 11.27
C ARG A 104 8.29 2.43 11.76
N GLU A 105 7.30 3.21 12.18
CA GLU A 105 7.57 4.54 12.72
C GLU A 105 8.37 4.43 13.99
N LEU A 106 8.32 3.26 14.61
CA LEU A 106 8.98 3.02 15.91
C LEU A 106 10.35 2.35 15.78
N TYR A 107 10.63 1.79 14.60
CA TYR A 107 11.87 1.02 14.38
C TYR A 107 13.16 1.79 14.72
N PRO A 108 13.22 3.12 14.47
CA PRO A 108 14.47 3.81 14.75
C PRO A 108 14.89 3.61 16.19
N GLU A 109 13.92 3.69 17.08
CA GLU A 109 14.16 3.43 18.49
C GLU A 109 14.25 1.95 18.88
N ALA A 110 13.36 1.13 18.34
CA ALA A 110 13.28 -0.29 18.78
C ALA A 110 14.49 -1.05 18.29
N PHE A 111 14.95 -0.72 17.09
CA PHE A 111 15.96 -1.56 16.44
C PHE A 111 17.30 -0.89 16.13
N PHE A 112 17.32 0.43 16.06
CA PHE A 112 18.52 1.10 15.54
C PHE A 112 19.12 2.15 16.46
N GLY A 113 18.80 2.06 17.73
CA GLY A 113 19.49 2.85 18.75
C GLY A 113 19.18 4.32 18.74
N GLY A 114 18.10 4.65 18.03
CA GLY A 114 17.53 5.99 18.00
C GLY A 114 16.52 6.27 19.10
N LYS A 115 15.79 7.37 18.91
CA LYS A 115 14.75 7.80 19.84
C LYS A 115 13.56 8.25 19.03
N VAL A 116 12.37 7.89 19.47
CA VAL A 116 11.15 8.47 18.88
C VAL A 116 10.39 9.09 20.04
N SER A 117 9.69 10.17 19.75
CA SER A 117 8.96 10.90 20.78
C SER A 117 7.85 10.12 21.47
N ASP A 118 7.54 10.55 22.67
CA ASP A 118 6.38 9.99 23.38
C ASP A 118 5.10 10.17 22.56
N ASN A 119 5.03 11.29 21.86
CA ASN A 119 3.82 11.61 21.07
C ASN A 119 3.64 10.59 19.95
N VAL A 120 4.74 10.32 19.27
CA VAL A 120 4.77 9.27 18.23
C VAL A 120 4.34 7.93 18.82
N LYS A 121 4.95 7.60 19.95
CA LYS A 121 4.69 6.29 20.54
C LYS A 121 3.19 6.15 20.85
N GLU A 122 2.66 7.21 21.42
CA GLU A 122 1.26 7.27 21.84
C GLU A 122 0.34 7.14 20.65
N ARG A 123 0.71 7.83 19.57
CA ARG A 123 -0.01 7.78 18.28
C ARG A 123 -0.08 6.35 17.70
N GLN A 124 1.08 5.72 17.64
CA GLN A 124 1.18 4.44 16.98
C GLN A 124 0.48 3.36 17.78
N LEU A 125 0.43 3.55 19.08
CA LEU A 125 -0.19 2.56 19.97
C LEU A 125 -1.70 2.58 19.78
N LYS A 126 -2.22 3.79 19.60
CA LYS A 126 -3.66 3.98 19.43
C LYS A 126 -4.05 3.34 18.10
N LEU A 127 -3.19 3.49 17.10
CA LEU A 127 -3.44 2.87 15.80
C LEU A 127 -3.41 1.36 15.90
N LEU A 128 -2.35 0.84 16.53
CA LEU A 128 -2.15 -0.60 16.61
C LEU A 128 -3.25 -1.25 17.40
N SER A 129 -3.74 -0.51 18.39
CA SER A 129 -4.79 -1.02 19.26
C SER A 129 -6.07 -1.23 18.50
N ARG A 130 -6.21 -0.48 17.44
CA ARG A 130 -7.38 -0.61 16.56
C ARG A 130 -7.14 -1.66 15.51
N TYR A 131 -5.93 -1.63 14.97
CA TYR A 131 -5.64 -2.33 13.76
C TYR A 131 -5.37 -3.82 13.99
N VAL A 132 -4.80 -4.15 15.13
CA VAL A 132 -4.52 -5.57 15.45
C VAL A 132 -5.82 -6.39 15.52
N PRO A 133 -6.83 -5.89 16.24
CA PRO A 133 -8.01 -6.71 16.30
C PRO A 133 -8.74 -6.79 14.96
N ALA A 134 -8.59 -5.75 14.17
CA ALA A 134 -9.20 -5.71 12.86
C ALA A 134 -8.53 -6.73 11.97
N PHE A 135 -7.21 -6.83 12.09
CA PHE A 135 -6.45 -7.82 11.32
C PHE A 135 -6.82 -9.24 11.75
N ALA A 136 -7.04 -9.43 13.06
CA ALA A 136 -7.42 -10.74 13.58
C ALA A 136 -8.74 -11.19 13.00
N LYS A 137 -9.61 -10.23 12.70
CA LYS A 137 -10.93 -10.53 12.12
C LYS A 137 -10.74 -11.18 10.72
N LEU A 138 -9.78 -10.64 9.99
CA LEU A 138 -9.53 -11.05 8.61
C LEU A 138 -8.72 -12.33 8.53
N ALA A 139 -7.71 -12.47 9.38
CA ALA A 139 -6.77 -13.60 9.31
C ALA A 139 -7.49 -14.87 9.66
N LYS A 140 -7.05 -15.95 9.03
CA LYS A 140 -7.65 -17.26 9.24
C LYS A 140 -6.75 -18.19 10.05
N PHE A 141 -5.49 -18.27 9.69
CA PHE A 141 -4.51 -19.12 10.39
C PHE A 141 -5.05 -20.53 10.48
N SER A 142 -5.41 -21.06 9.31
CA SER A 142 -6.08 -22.35 9.19
C SER A 142 -5.51 -23.28 8.12
N PRO A 143 -4.20 -23.57 8.20
CA PRO A 143 -3.26 -23.09 9.17
C PRO A 143 -2.51 -21.86 8.65
N TYR A 144 -2.69 -21.59 7.37
CA TYR A 144 -2.01 -20.43 6.73
C TYR A 144 -2.78 -19.14 6.98
N VAL A 145 -2.16 -18.01 6.69
CA VAL A 145 -2.73 -16.73 7.20
C VAL A 145 -4.09 -16.42 6.61
N ALA A 146 -4.29 -16.83 5.36
CA ALA A 146 -5.50 -16.49 4.64
C ALA A 146 -6.34 -17.74 4.45
N GLY A 147 -5.94 -18.84 5.05
CA GLY A 147 -6.68 -20.10 4.88
C GLY A 147 -5.84 -21.36 4.88
N ASP A 148 -6.28 -22.33 4.08
CA ASP A 148 -5.73 -23.70 4.16
C ASP A 148 -4.63 -23.89 3.13
N THR A 149 -4.36 -22.85 2.37
CA THR A 149 -3.21 -22.89 1.48
C THR A 149 -2.29 -21.70 1.66
N PHE A 150 -1.07 -21.93 1.20
CA PHE A 150 0.03 -21.00 1.30
C PHE A 150 -0.10 -20.04 0.12
N THR A 151 -0.08 -18.75 0.44
CA THR A 151 -0.32 -17.71 -0.55
C THR A 151 0.68 -16.57 -0.41
N LEU A 152 0.49 -15.57 -1.23
CA LEU A 152 1.26 -14.34 -1.13
C LEU A 152 1.12 -13.71 0.23
N ALA A 153 -0.03 -13.97 0.88
CA ALA A 153 -0.27 -13.40 2.20
C ALA A 153 0.70 -13.93 3.22
N ASP A 154 1.08 -15.19 3.04
CA ASP A 154 2.03 -15.87 3.90
C ASP A 154 3.42 -15.36 3.66
N CYS A 155 3.72 -15.00 2.42
CA CYS A 155 5.02 -14.42 2.13
C CYS A 155 5.23 -13.14 2.93
N ALA A 156 4.14 -12.41 3.06
CA ALA A 156 4.15 -11.17 3.81
C ALA A 156 4.11 -11.45 5.33
N ALA A 157 3.17 -12.28 5.77
CA ALA A 157 2.97 -12.50 7.22
C ALA A 157 4.20 -13.10 7.89
N ALA A 158 4.89 -13.95 7.14
CA ALA A 158 6.02 -14.74 7.64
C ALA A 158 7.14 -13.80 8.08
N VAL A 159 7.23 -12.65 7.43
CA VAL A 159 8.34 -11.72 7.67
C VAL A 159 7.90 -10.53 8.50
N HIS A 160 6.67 -10.09 8.32
CA HIS A 160 6.20 -8.89 9.03
C HIS A 160 5.75 -9.16 10.45
N LEU A 161 5.07 -10.27 10.69
CA LEU A 161 4.49 -10.48 12.01
C LEU A 161 5.57 -10.52 13.10
N PRO A 162 6.70 -11.22 12.88
CA PRO A 162 7.70 -11.31 13.93
C PRO A 162 8.28 -9.95 14.26
N LEU A 163 8.37 -9.09 13.27
CA LEU A 163 8.96 -7.75 13.47
C LEU A 163 8.01 -6.87 14.25
N VAL A 164 6.72 -6.96 13.95
CA VAL A 164 5.73 -6.14 14.66
C VAL A 164 5.69 -6.55 16.14
N SER A 165 5.74 -7.85 16.36
CA SER A 165 5.84 -8.41 17.69
C SER A 165 7.05 -7.89 18.47
N SER A 166 8.21 -8.05 17.87
CA SER A 166 9.46 -7.61 18.50
C SER A 166 9.43 -6.15 18.80
N CYS A 167 9.04 -5.39 17.79
CA CYS A 167 8.99 -3.96 17.93
C CYS A 167 8.13 -3.50 19.11
N THR A 168 6.94 -4.08 19.23
CA THR A 168 5.98 -3.67 20.27
C THR A 168 6.42 -4.13 21.67
N LYS A 169 7.04 -5.30 21.73
CA LYS A 169 7.54 -5.76 23.00
C LYS A 169 8.56 -4.75 23.54
N ILE A 170 9.39 -4.24 22.65
CA ILE A 170 10.47 -3.36 23.08
C ILE A 170 9.91 -2.00 23.51
N ILE A 171 9.08 -1.44 22.64
CA ILE A 171 8.54 -0.08 22.84
C ILE A 171 7.51 -0.03 23.95
N TYR A 172 6.58 -0.99 23.95
CA TYR A 172 5.42 -0.95 24.85
C TYR A 172 5.45 -1.95 25.98
N GLY A 173 6.43 -2.84 25.91
CA GLY A 173 6.58 -3.92 26.91
C GLY A 173 5.46 -4.91 26.83
N LYS A 174 4.81 -4.90 25.68
CA LYS A 174 3.74 -5.86 25.38
C LYS A 174 3.80 -6.25 23.91
N ASP A 175 3.73 -7.54 23.65
CA ASP A 175 3.57 -8.07 22.29
C ASP A 175 2.14 -7.85 21.93
N LEU A 176 1.90 -6.85 21.10
CA LEU A 176 0.54 -6.47 20.77
C LEU A 176 -0.14 -7.51 19.86
N LEU A 177 0.63 -8.48 19.37
CA LEU A 177 0.08 -9.60 18.59
C LEU A 177 -0.19 -10.81 19.47
N ALA A 178 -0.11 -10.62 20.77
CA ALA A 178 -0.10 -11.77 21.72
C ALA A 178 -1.34 -12.68 21.62
N ASP A 179 -2.44 -12.10 21.17
CA ASP A 179 -3.73 -12.76 21.23
C ASP A 179 -4.01 -13.47 19.91
N LEU A 180 -3.08 -13.30 18.99
CA LEU A 180 -3.15 -13.99 17.71
C LEU A 180 -2.30 -15.26 17.79
N PRO A 181 -2.62 -16.26 16.97
CA PRO A 181 -1.88 -17.53 17.04
C PRO A 181 -0.60 -17.52 16.24
N VAL A 182 0.23 -16.54 16.53
CA VAL A 182 1.45 -16.28 15.73
C VAL A 182 2.53 -17.31 15.98
N LYS A 183 2.67 -17.74 17.23
CA LYS A 183 3.75 -18.70 17.56
C LYS A 183 3.46 -19.95 16.77
N GLU A 184 2.19 -20.34 16.74
CA GLU A 184 1.78 -21.58 16.08
C GLU A 184 1.88 -21.45 14.55
N TYR A 185 1.58 -20.25 14.06
CA TYR A 185 1.71 -19.96 12.62
C TYR A 185 3.15 -20.09 12.15
N LEU A 186 4.05 -19.47 12.90
CA LEU A 186 5.46 -19.48 12.52
C LEU A 186 6.02 -20.90 12.59
N LYS A 187 5.44 -21.69 13.47
CA LYS A 187 5.87 -23.07 13.62
C LYS A 187 5.46 -23.84 12.39
N THR A 188 4.26 -23.58 11.92
CA THR A 188 3.77 -24.16 10.65
C THR A 188 4.72 -23.81 9.51
N LEU A 189 5.15 -22.56 9.47
CA LEU A 189 6.00 -22.07 8.35
C LEU A 189 7.40 -22.62 8.48
N SER A 190 7.81 -22.85 9.72
CA SER A 190 9.21 -23.14 10.05
C SER A 190 9.66 -24.36 9.30
N GLU A 191 8.69 -25.20 8.98
CA GLU A 191 8.94 -26.48 8.31
C GLU A 191 9.32 -26.35 6.83
N ARG A 192 9.07 -25.17 6.28
CA ARG A 192 9.22 -24.94 4.84
C ARG A 192 10.66 -24.58 4.49
N PRO A 193 11.19 -25.15 3.41
CA PRO A 193 12.55 -24.89 3.08
C PRO A 193 12.77 -23.44 2.70
N SER A 194 11.82 -22.87 1.97
CA SER A 194 11.93 -21.45 1.62
C SER A 194 12.15 -20.63 2.88
N VAL A 195 11.36 -20.93 3.90
CA VAL A 195 11.35 -20.15 5.13
C VAL A 195 12.66 -20.36 5.88
N GLN A 196 13.14 -21.60 5.82
CA GLN A 196 14.37 -21.95 6.52
C GLN A 196 15.53 -21.19 5.90
N LYS A 197 15.56 -21.14 4.59
CA LYS A 197 16.66 -20.43 3.91
C LYS A 197 16.58 -18.92 4.18
N VAL A 198 15.38 -18.40 4.08
CA VAL A 198 15.18 -16.96 4.21
C VAL A 198 15.60 -16.53 5.65
N ASN A 199 15.22 -17.33 6.62
CA ASN A 199 15.52 -16.99 8.03
C ASN A 199 17.00 -17.10 8.34
N ALA A 200 17.65 -18.11 7.76
CA ALA A 200 19.08 -18.30 7.97
C ALA A 200 19.85 -17.16 7.31
N ASP A 201 19.43 -16.82 6.10
CA ASP A 201 20.06 -15.70 5.35
C ASP A 201 19.85 -14.37 6.06
N ARG A 202 18.68 -14.25 6.68
CA ARG A 202 18.30 -13.01 7.34
C ARG A 202 19.21 -12.73 8.53
N LYS A 203 19.47 -13.80 9.28
CA LYS A 203 20.24 -13.69 10.51
C LYS A 203 21.68 -13.34 10.17
N ALA A 204 22.18 -13.98 9.13
CA ALA A 204 23.53 -13.70 8.61
C ALA A 204 23.67 -12.24 8.15
N ASN A 205 22.69 -11.75 7.42
CA ASN A 205 22.79 -10.40 6.90
C ASN A 205 22.64 -9.35 7.98
N THR A 206 21.82 -9.69 8.97
CA THR A 206 21.52 -8.76 10.08
C THR A 206 22.82 -8.55 10.89
N GLU A 207 23.52 -9.64 11.13
CA GLU A 207 24.82 -9.59 11.80
C GLU A 207 25.79 -8.75 10.97
N LEU A 208 25.80 -8.98 9.67
CA LEU A 208 26.69 -8.25 8.75
C LEU A 208 26.38 -6.77 8.78
N LEU A 210 24.98 -4.92 10.98
CA LEU A 210 25.25 -4.22 12.25
C LEU A 210 26.72 -4.27 12.59
N SER A 211 27.48 -5.09 11.90
CA SER A 211 28.95 -5.11 12.07
C SER A 211 29.55 -3.87 11.47
N ARG A 212 28.87 -3.51 10.41
CA ARG A 212 29.39 -2.63 9.35
C ARG A 212 30.49 -1.60 9.80
N LEU B 3 -23.03 -4.49 -7.18
CA LEU B 3 -22.10 -4.26 -6.10
C LEU B 3 -22.39 -2.92 -5.45
N LYS B 4 -22.14 -2.89 -4.17
CA LYS B 4 -22.27 -1.64 -3.42
C LYS B 4 -20.91 -1.08 -3.15
N LEU B 5 -20.72 0.18 -3.53
CA LEU B 5 -19.56 0.94 -3.14
C LEU B 5 -19.90 1.78 -1.92
N CYS B 6 -19.23 1.49 -0.81
CA CYS B 6 -19.60 2.11 0.45
C CYS B 6 -18.56 3.11 0.92
N GLY B 7 -19.09 4.22 1.40
CA GLY B 7 -18.27 5.28 1.94
C GLY B 7 -18.91 6.60 1.62
N PHE B 8 -18.08 7.54 1.27
CA PHE B 8 -18.53 8.92 1.01
C PHE B 8 -17.59 9.59 0.02
N ALA B 9 -18.19 10.38 -0.88
CA ALA B 9 -17.51 10.92 -2.07
C ALA B 9 -16.45 12.00 -1.77
N ALA B 10 -16.38 12.41 -0.51
CA ALA B 10 -15.36 13.38 -0.13
C ALA B 10 -14.05 12.64 0.00
N SER B 11 -14.13 11.33 0.05
CA SER B 11 -12.92 10.48 0.16
C SER B 11 -12.23 10.26 -1.19
N ASN B 12 -10.94 10.58 -1.24
CA ASN B 12 -10.10 10.32 -2.44
C ASN B 12 -9.95 8.86 -2.74
N TYR B 13 -9.76 8.04 -1.73
CA TYR B 13 -9.64 6.60 -1.99
C TYR B 13 -10.95 6.00 -2.49
N TYR B 14 -12.06 6.56 -2.05
CA TYR B 14 -13.42 6.12 -2.50
C TYR B 14 -13.54 6.43 -3.95
N ASN B 15 -13.20 7.67 -4.27
CA ASN B 15 -13.27 8.13 -5.65
C ASN B 15 -12.36 7.45 -6.66
N LYS B 16 -11.23 6.95 -6.17
CA LYS B 16 -10.33 6.15 -6.99
C LYS B 16 -11.04 4.91 -7.51
N VAL B 17 -11.76 4.25 -6.61
CA VAL B 17 -12.59 3.09 -6.93
C VAL B 17 -13.75 3.47 -7.84
N LYS B 18 -14.41 4.56 -7.49
CA LYS B 18 -15.55 5.05 -8.27
C LYS B 18 -15.15 5.30 -9.75
N LEU B 19 -14.02 5.92 -9.95
CA LEU B 19 -13.49 6.20 -11.28
C LEU B 19 -13.28 4.88 -12.06
N ALA B 20 -12.70 3.88 -11.38
CA ALA B 20 -12.47 2.57 -12.03
C ALA B 20 -13.79 1.99 -12.42
N LEU B 21 -14.77 2.07 -11.53
CA LEU B 21 -16.08 1.48 -11.81
C LEU B 21 -16.72 2.17 -13.01
N LEU B 22 -16.65 3.50 -12.99
CA LEU B 22 -17.24 4.29 -14.06
C LEU B 22 -16.53 3.98 -15.38
N GLU B 23 -15.22 3.94 -15.34
CA GLU B 23 -14.44 3.74 -16.57
C GLU B 23 -14.70 2.37 -17.19
N LYS B 24 -15.02 1.41 -16.36
CA LYS B 24 -15.15 0.00 -16.76
C LYS B 24 -16.58 -0.34 -17.08
N ASN B 25 -17.44 0.65 -16.89
CA ASN B 25 -18.87 0.48 -17.11
C ASN B 25 -19.47 -0.59 -16.23
N VAL B 26 -18.95 -0.71 -15.02
CA VAL B 26 -19.49 -1.67 -14.05
C VAL B 26 -20.59 -0.98 -13.25
N PRO B 27 -21.76 -1.61 -13.16
CA PRO B 27 -22.88 -1.05 -12.43
C PRO B 27 -22.66 -1.17 -10.96
N PHE B 28 -23.05 -0.13 -10.28
CA PHE B 28 -22.87 -0.09 -8.83
C PHE B 28 -23.84 0.83 -8.18
N GLU B 29 -24.05 0.55 -6.91
CA GLU B 29 -24.82 1.39 -6.05
C GLU B 29 -23.89 2.03 -5.01
N GLU B 30 -24.03 3.34 -4.85
CA GLU B 30 -23.30 4.05 -3.79
C GLU B 30 -24.06 4.00 -2.50
N VAL B 31 -23.41 3.53 -1.46
CA VAL B 31 -23.95 3.51 -0.12
C VAL B 31 -23.13 4.45 0.78
N LEU B 32 -23.84 5.42 1.35
CA LEU B 32 -23.25 6.41 2.26
C LEU B 32 -22.92 5.74 3.59
N ALA B 33 -21.65 5.81 3.94
CA ALA B 33 -21.14 5.23 5.21
C ALA B 33 -20.07 6.17 5.72
N TRP B 34 -20.39 6.94 6.73
CA TRP B 34 -19.45 7.94 7.27
C TRP B 34 -18.43 7.25 8.18
N ILE B 35 -17.27 7.89 8.33
CA ILE B 35 -16.31 7.42 9.33
C ILE B 35 -17.01 7.32 10.69
N GLY B 36 -16.86 6.18 11.32
CA GLY B 36 -17.42 5.98 12.67
C GLY B 36 -18.75 5.30 12.60
N GLU B 37 -19.23 5.14 11.37
CA GLU B 37 -20.56 4.57 11.13
C GLU B 37 -20.56 3.51 10.06
N THR B 38 -19.39 2.93 9.82
CA THR B 38 -19.26 1.91 8.78
C THR B 38 -19.72 0.53 9.27
N ASP B 39 -19.87 -0.36 8.30
CA ASP B 39 -20.21 -1.77 8.53
C ASP B 39 -18.93 -2.54 8.75
N THR B 40 -18.66 -2.80 10.02
CA THR B 40 -17.32 -3.28 10.44
C THR B 40 -17.19 -4.78 10.26
N THR B 41 -18.25 -5.41 9.78
CA THR B 41 -18.11 -6.79 9.35
C THR B 41 -17.50 -6.77 7.95
N ALA B 42 -17.74 -5.68 7.24
CA ALA B 42 -17.22 -5.47 5.86
C ALA B 42 -15.88 -4.78 5.87
N THR B 43 -15.73 -3.88 6.82
CA THR B 43 -14.52 -3.05 6.93
C THR B 43 -14.01 -3.01 8.39
N PRO B 44 -13.12 -3.95 8.73
CA PRO B 44 -12.91 -4.24 10.16
C PRO B 44 -12.25 -3.12 10.95
N ALA B 45 -11.48 -2.29 10.28
CA ALA B 45 -10.77 -1.15 10.91
C ALA B 45 -11.53 0.14 10.64
N GLY B 46 -12.72 0.00 10.06
CA GLY B 46 -13.58 1.16 9.80
C GLY B 46 -13.15 2.09 8.67
N LYS B 47 -12.29 1.57 7.81
CA LYS B 47 -11.79 2.36 6.67
C LYS B 47 -12.84 2.40 5.53
N VAL B 48 -12.84 3.51 4.79
CA VAL B 48 -13.57 3.60 3.54
C VAL B 48 -12.58 3.88 2.43
N PRO B 49 -12.83 3.32 1.25
CA PRO B 49 -14.07 2.70 0.88
C PRO B 49 -14.07 1.20 1.12
N TYR B 50 -15.25 0.62 1.08
CA TYR B 50 -15.42 -0.83 1.05
C TYR B 50 -16.52 -1.21 0.06
N ILE B 52 -19.30 -4.25 -1.05
CA ILE B 52 -20.11 -5.41 -0.69
C ILE B 52 -20.75 -5.97 -1.95
N THR B 53 -20.55 -7.26 -2.15
CA THR B 53 -21.19 -8.00 -3.25
C THR B 53 -21.87 -9.23 -2.63
N GLU B 54 -22.50 -10.02 -3.48
CA GLU B 54 -23.15 -11.26 -3.00
C GLU B 54 -22.05 -12.21 -2.52
N SER B 55 -20.93 -12.20 -3.24
CA SER B 55 -19.82 -13.14 -3.03
C SER B 55 -18.95 -12.80 -1.81
N GLY B 56 -19.07 -11.58 -1.33
CA GLY B 56 -18.30 -11.12 -0.18
C GLY B 56 -18.00 -9.62 -0.16
N SER B 57 -17.07 -9.27 0.71
CA SER B 57 -16.67 -7.88 0.87
C SER B 57 -15.19 -7.72 0.85
N LEU B 58 -14.82 -6.52 0.42
CA LEU B 58 -13.42 -6.07 0.36
C LEU B 58 -13.33 -4.63 0.83
N CYS B 59 -12.33 -4.35 1.69
CA CYS B 59 -12.19 -3.05 2.34
C CYS B 59 -10.92 -2.27 2.15
N GLU B 60 -10.24 -2.48 1.03
CA GLU B 60 -9.13 -1.56 0.66
C GLU B 60 -9.18 -1.18 -0.79
N SER B 61 -9.01 0.10 -1.08
CA SER B 61 -9.27 0.55 -2.43
C SER B 61 -8.44 -0.13 -3.54
N GLU B 62 -7.17 -0.41 -3.31
CA GLU B 62 -6.40 -0.95 -4.41
C GLU B 62 -6.77 -2.43 -4.54
N VAL B 63 -7.13 -3.04 -3.41
CA VAL B 63 -7.58 -4.43 -3.40
C VAL B 63 -8.89 -4.54 -4.22
N ILE B 64 -9.75 -3.54 -4.05
CA ILE B 64 -11.02 -3.48 -4.78
C ILE B 64 -10.75 -3.34 -6.27
N ASN B 65 -9.87 -2.40 -6.61
CA ASN B 65 -9.59 -2.12 -8.03
C ASN B 65 -8.95 -3.34 -8.70
N GLU B 66 -8.09 -4.05 -7.98
CA GLU B 66 -7.54 -5.33 -8.52
C GLU B 66 -8.65 -6.35 -8.73
N TYR B 67 -9.62 -6.32 -7.82
CA TYR B 67 -10.78 -7.24 -7.92
C TYR B 67 -11.60 -6.91 -9.14
N LEU B 68 -11.78 -5.62 -9.37
CA LEU B 68 -12.62 -5.22 -10.52
C LEU B 68 -11.95 -5.63 -11.83
N GLU B 69 -10.63 -5.54 -11.87
CA GLU B 69 -9.91 -5.95 -13.09
C GLU B 69 -10.09 -7.45 -13.37
N ALA B 70 -10.14 -8.24 -12.31
CA ALA B 70 -10.22 -9.69 -12.45
C ALA B 70 -11.65 -10.13 -12.70
N ALA B 71 -12.59 -9.43 -12.09
CA ALA B 71 -14.00 -9.88 -12.10
C ALA B 71 -14.70 -9.28 -13.29
N TYR B 72 -14.23 -8.11 -13.72
CA TYR B 72 -14.85 -7.39 -14.84
C TYR B 72 -13.79 -7.04 -15.90
N PRO B 73 -13.34 -8.06 -16.64
CA PRO B 73 -12.19 -7.90 -17.50
C PRO B 73 -12.49 -7.18 -18.80
N GLN B 74 -13.76 -6.93 -19.07
CA GLN B 74 -14.18 -6.34 -20.34
C GLN B 74 -13.53 -5.02 -20.71
N THR B 75 -13.34 -4.11 -19.77
CA THR B 75 -12.67 -2.87 -20.15
C THR B 75 -11.47 -2.75 -19.26
N PRO B 76 -10.32 -3.33 -19.68
CA PRO B 76 -9.15 -3.40 -18.84
C PRO B 76 -8.53 -2.06 -18.53
N LEU B 77 -8.09 -1.91 -17.29
CA LEU B 77 -7.39 -0.72 -16.84
C LEU B 77 -5.93 -1.02 -16.53
N LEU B 78 -5.51 -2.23 -16.86
CA LEU B 78 -4.09 -2.60 -16.83
C LEU B 78 -3.69 -3.25 -18.13
N PRO B 79 -2.45 -2.99 -18.59
CA PRO B 79 -1.92 -3.65 -19.79
C PRO B 79 -1.77 -5.13 -19.61
N ARG B 80 -1.67 -5.85 -20.71
CA ARG B 80 -1.52 -7.27 -20.57
C ARG B 80 -0.11 -7.64 -20.24
N ASP B 81 0.83 -6.91 -20.79
CA ASP B 81 2.28 -7.23 -20.52
C ASP B 81 2.56 -7.10 -18.99
N PRO B 82 3.08 -8.16 -18.33
CA PRO B 82 3.32 -8.11 -16.89
C PRO B 82 4.21 -6.96 -16.41
N GLN B 84 4.76 -4.08 -18.03
CA GLN B 84 3.96 -2.85 -18.24
CA GLN B 84 4.06 -2.79 -18.17
C GLN B 84 2.92 -2.66 -17.13
N ALA B 85 2.26 -3.76 -16.79
CA ALA B 85 1.26 -3.74 -15.70
C ALA B 85 1.97 -3.38 -14.41
N GLY B 86 3.21 -3.84 -14.29
CA GLY B 86 4.04 -3.53 -13.13
C GLY B 86 4.40 -2.05 -12.97
N LYS B 87 4.72 -1.41 -14.09
CA LYS B 87 5.08 0.00 -14.09
C LYS B 87 3.86 0.82 -13.65
N VAL B 88 2.69 0.34 -14.02
CA VAL B 88 1.43 1.01 -13.66
C VAL B 88 1.26 0.87 -12.16
N ARG B 89 1.49 -0.32 -11.64
CA ARG B 89 1.27 -0.57 -10.20
C ARG B 89 2.30 0.17 -9.36
N GLU B 90 3.47 0.30 -9.93
CA GLU B 90 4.60 0.94 -9.28
C GLU B 90 4.27 2.43 -9.07
N ILE B 91 3.63 3.01 -10.08
CA ILE B 91 3.14 4.40 -10.03
C ILE B 91 2.09 4.56 -8.96
N VAL B 92 1.11 3.68 -8.93
CA VAL B 92 0.05 3.77 -7.92
C VAL B 92 0.60 3.68 -6.51
N THR B 93 1.47 2.71 -6.34
CA THR B 93 2.05 2.42 -5.03
C THR B 93 2.93 3.56 -4.52
N PHE B 94 3.77 4.05 -5.41
CA PHE B 94 4.68 5.10 -5.05
C PHE B 94 3.87 6.33 -4.66
N LEU B 95 2.89 6.61 -5.48
CA LEU B 95 2.06 7.78 -5.27
C LEU B 95 1.33 7.71 -3.95
N GLU B 96 0.79 6.54 -3.62
CA GLU B 96 -0.01 6.42 -2.39
C GLU B 96 0.86 6.37 -1.16
N LEU B 97 1.88 5.53 -1.20
CA LEU B 97 2.72 5.30 -0.03
C LEU B 97 3.54 6.53 0.32
N TYR B 98 4.02 7.21 -0.70
CA TYR B 98 5.07 8.23 -0.51
C TYR B 98 4.64 9.67 -0.72
N LEU B 99 3.59 9.87 -1.50
CA LEU B 99 3.03 11.18 -1.71
C LEU B 99 1.77 11.36 -0.86
N GLU B 100 0.79 10.51 -1.09
CA GLU B 100 -0.52 10.67 -0.42
C GLU B 100 -0.41 10.49 1.10
N LEU B 101 0.14 9.35 1.52
CA LEU B 101 0.20 9.04 2.95
C LEU B 101 1.10 10.04 3.70
N THR B 102 2.08 10.53 2.97
CA THR B 102 3.01 11.50 3.55
C THR B 102 2.27 12.79 3.79
N ALA B 103 1.51 13.22 2.79
CA ALA B 103 0.73 14.47 2.90
C ALA B 103 -0.45 14.30 3.88
N ARG B 104 -0.97 13.09 3.95
CA ARG B 104 -2.15 12.78 4.78
C ARG B 104 -1.91 13.16 6.25
N GLU B 105 -0.64 13.09 6.65
CA GLU B 105 -0.23 13.43 8.01
C GLU B 105 -0.49 14.92 8.32
N LEU B 106 -0.67 15.72 7.27
CA LEU B 106 -0.91 17.18 7.41
C LEU B 106 -2.38 17.57 7.31
N TYR B 107 -3.19 16.65 6.79
CA TYR B 107 -4.62 16.93 6.51
C TYR B 107 -5.37 17.47 7.73
N PRO B 108 -5.05 17.01 8.96
CA PRO B 108 -5.83 17.49 10.07
C PRO B 108 -5.86 19.02 10.16
N GLU B 109 -4.70 19.61 9.91
CA GLU B 109 -4.54 21.04 9.92
C GLU B 109 -4.95 21.64 8.60
N ALA B 110 -4.60 20.99 7.49
CA ALA B 110 -4.84 21.61 6.15
C ALA B 110 -6.31 21.65 5.83
N PHE B 111 -7.03 20.61 6.22
CA PHE B 111 -8.38 20.44 5.76
C PHE B 111 -9.44 20.43 6.82
N PHE B 112 -9.06 20.10 8.04
CA PHE B 112 -10.01 19.81 9.09
C PHE B 112 -9.91 20.65 10.32
N GLY B 113 -9.22 21.76 10.22
CA GLY B 113 -9.25 22.77 11.25
C GLY B 113 -8.52 22.38 12.50
N GLY B 114 -7.68 21.37 12.38
CA GLY B 114 -6.78 20.97 13.47
C GLY B 114 -5.45 21.67 13.39
N LYS B 115 -4.49 21.11 14.13
CA LYS B 115 -3.09 21.60 14.19
C LYS B 115 -2.16 20.41 14.13
N VAL B 116 -1.13 20.50 13.29
CA VAL B 116 -0.05 19.50 13.34
C VAL B 116 1.17 20.25 13.78
N SER B 117 2.02 19.56 14.54
CA SER B 117 3.24 20.18 15.11
C SER B 117 4.24 20.59 14.05
N ASP B 118 5.12 21.50 14.45
CA ASP B 118 6.19 21.98 13.55
C ASP B 118 7.11 20.83 13.18
N ASN B 119 7.27 19.88 14.11
CA ASN B 119 8.19 18.74 13.91
C ASN B 119 7.60 17.88 12.83
N VAL B 120 6.30 17.67 12.91
CA VAL B 120 5.61 16.89 11.90
C VAL B 120 5.71 17.62 10.53
N LYS B 121 5.47 18.92 10.52
CA LYS B 121 5.54 19.64 9.24
C LYS B 121 6.93 19.49 8.58
N GLU B 122 7.94 19.60 9.42
CA GLU B 122 9.35 19.55 8.96
C GLU B 122 9.69 18.16 8.40
N ARG B 123 9.27 17.17 9.16
CA ARG B 123 9.44 15.76 8.79
C ARG B 123 8.82 15.48 7.44
N GLN B 124 7.55 15.86 7.31
CA GLN B 124 6.82 15.52 6.09
C GLN B 124 7.39 16.27 4.88
N LEU B 125 7.91 17.46 5.13
CA LEU B 125 8.45 18.30 4.05
C LEU B 125 9.76 17.68 3.53
N LYS B 126 10.51 17.10 4.46
CA LYS B 126 11.79 16.49 4.06
C LYS B 126 11.45 15.24 3.24
N LEU B 127 10.45 14.50 3.68
CA LEU B 127 10.00 13.33 2.91
C LEU B 127 9.51 13.69 1.50
N LEU B 128 8.59 14.65 1.43
CA LEU B 128 8.02 15.07 0.14
C LEU B 128 9.09 15.62 -0.80
N SER B 129 10.08 16.25 -0.24
CA SER B 129 11.12 16.86 -1.06
C SER B 129 12.02 15.80 -1.69
N ARG B 130 12.07 14.64 -1.10
CA ARG B 130 12.78 13.50 -1.70
C ARG B 130 11.86 12.71 -2.63
N TYR B 131 10.61 12.54 -2.18
CA TYR B 131 9.72 11.61 -2.85
C TYR B 131 9.09 12.14 -4.10
N VAL B 132 8.85 13.45 -4.14
CA VAL B 132 8.23 14.04 -5.34
C VAL B 132 9.12 13.85 -6.59
N PRO B 133 10.42 14.22 -6.52
CA PRO B 133 11.28 14.01 -7.68
C PRO B 133 11.45 12.54 -8.07
N ALA B 134 11.35 11.66 -7.08
CA ALA B 134 11.44 10.21 -7.31
C ALA B 134 10.23 9.80 -8.09
N PHE B 135 9.07 10.27 -7.64
CA PHE B 135 7.81 10.00 -8.35
C PHE B 135 7.87 10.52 -9.80
N ALA B 136 8.48 11.69 -9.95
CA ALA B 136 8.55 12.32 -11.26
C ALA B 136 9.35 11.46 -12.22
N LYS B 137 10.30 10.72 -11.68
CA LYS B 137 11.09 9.80 -12.48
C LYS B 137 10.22 8.62 -12.99
N LEU B 138 9.24 8.19 -12.20
CA LEU B 138 8.38 7.08 -12.64
C LEU B 138 7.27 7.52 -13.64
N ALA B 139 6.73 8.69 -13.38
CA ALA B 139 5.60 9.26 -14.11
C ALA B 139 5.99 9.68 -15.52
N LYS B 140 5.06 9.44 -16.46
CA LYS B 140 5.25 9.73 -17.88
C LYS B 140 4.42 10.92 -18.34
N PHE B 141 3.17 10.99 -17.91
CA PHE B 141 2.27 12.06 -18.32
C PHE B 141 2.28 12.29 -19.83
N SER B 142 2.06 11.23 -20.57
CA SER B 142 2.19 11.25 -22.03
C SER B 142 0.97 10.69 -22.77
N PRO B 143 -0.24 11.21 -22.49
CA PRO B 143 -0.55 12.28 -21.58
C PRO B 143 -1.01 11.77 -20.23
N TYR B 144 -1.21 10.46 -20.17
CA TYR B 144 -1.66 9.81 -18.93
C TYR B 144 -0.48 9.56 -18.01
N VAL B 145 -0.78 9.28 -16.75
CA VAL B 145 0.28 9.25 -15.72
C VAL B 145 1.32 8.19 -16.02
N ALA B 146 0.90 7.02 -16.51
CA ALA B 146 1.85 5.94 -16.76
C ALA B 146 2.22 5.80 -18.24
N GLY B 147 1.65 6.64 -19.08
CA GLY B 147 1.91 6.53 -20.50
C GLY B 147 0.80 7.07 -21.35
N ASP B 148 0.57 6.38 -22.45
CA ASP B 148 -0.30 6.91 -23.50
C ASP B 148 -1.71 6.41 -23.39
N THR B 149 -1.96 5.56 -22.41
CA THR B 149 -3.33 5.07 -22.14
C THR B 149 -3.78 5.32 -20.71
N PHE B 150 -5.08 5.50 -20.59
CA PHE B 150 -5.70 5.61 -19.27
C PHE B 150 -5.69 4.28 -18.53
N THR B 151 -5.12 4.28 -17.33
CA THR B 151 -4.99 3.05 -16.52
C THR B 151 -5.42 3.23 -15.09
N LEU B 152 -5.25 2.19 -14.31
CA LEU B 152 -5.57 2.22 -12.89
C LEU B 152 -4.75 3.29 -12.22
N ALA B 153 -3.59 3.62 -12.80
CA ALA B 153 -2.71 4.63 -12.22
C ALA B 153 -3.36 6.00 -12.28
N ASP B 154 -4.20 6.20 -13.29
CA ASP B 154 -4.92 7.48 -13.47
C ASP B 154 -6.07 7.59 -12.50
N CYS B 155 -6.70 6.46 -12.20
CA CYS B 155 -7.77 6.47 -11.22
C CYS B 155 -7.22 6.98 -9.90
N ALA B 156 -5.95 6.65 -9.61
CA ALA B 156 -5.27 7.06 -8.37
C ALA B 156 -4.78 8.51 -8.52
N ALA B 157 -4.07 8.80 -9.60
CA ALA B 157 -3.43 10.09 -9.76
C ALA B 157 -4.47 11.23 -9.81
N ALA B 158 -5.62 10.93 -10.39
CA ALA B 158 -6.66 11.91 -10.66
C ALA B 158 -7.19 12.49 -9.34
N VAL B 159 -7.12 11.67 -8.30
CA VAL B 159 -7.75 12.00 -7.01
C VAL B 159 -6.70 12.39 -5.99
N HIS B 160 -5.52 11.78 -6.09
CA HIS B 160 -4.48 12.02 -5.06
C HIS B 160 -3.65 13.24 -5.35
N LEU B 161 -3.33 13.48 -6.62
CA LEU B 161 -2.44 14.60 -6.95
C LEU B 161 -3.00 15.97 -6.57
N PRO B 162 -4.28 16.22 -6.87
CA PRO B 162 -4.84 17.53 -6.47
C PRO B 162 -4.85 17.73 -4.98
N LEU B 163 -5.11 16.69 -4.24
CA LEU B 163 -5.15 16.82 -2.78
C LEU B 163 -3.77 17.09 -2.20
N VAL B 164 -2.76 16.42 -2.76
CA VAL B 164 -1.38 16.62 -2.31
C VAL B 164 -0.95 18.09 -2.60
N SER B 165 -1.31 18.59 -3.76
CA SER B 165 -1.00 20.01 -4.12
C SER B 165 -1.70 20.98 -3.21
N SER B 166 -3.00 20.78 -2.99
CA SER B 166 -3.74 21.69 -2.11
C SER B 166 -3.19 21.71 -0.75
N CYS B 167 -2.93 20.51 -0.24
CA CYS B 167 -2.38 20.34 1.10
C CYS B 167 -1.09 21.12 1.31
N THR B 168 -0.16 20.89 0.38
CA THR B 168 1.16 21.50 0.50
C THR B 168 1.11 23.02 0.32
N LYS B 169 0.21 23.50 -0.54
CA LYS B 169 0.09 24.94 -0.67
C LYS B 169 -0.37 25.59 0.62
N ILE B 170 -1.33 24.96 1.26
CA ILE B 170 -1.87 25.47 2.51
C ILE B 170 -0.80 25.45 3.59
N ILE B 171 -0.10 24.32 3.72
CA ILE B 171 0.81 24.09 4.84
C ILE B 171 2.16 24.82 4.64
N TYR B 172 2.67 24.77 3.43
CA TYR B 172 4.03 25.24 3.11
C TYR B 172 4.05 26.51 2.30
N GLY B 173 2.88 26.93 1.82
CA GLY B 173 2.79 28.10 0.95
C GLY B 173 3.44 27.91 -0.40
N LYS B 174 3.60 26.64 -0.76
CA LYS B 174 4.02 26.23 -2.11
C LYS B 174 3.52 24.86 -2.49
N ASP B 175 3.12 24.75 -3.74
CA ASP B 175 2.75 23.46 -4.33
C ASP B 175 3.99 22.59 -4.51
N LEU B 176 4.11 21.53 -3.74
CA LEU B 176 5.32 20.73 -3.86
C LEU B 176 5.35 19.90 -5.14
N LEU B 177 4.26 19.89 -5.87
CA LEU B 177 4.16 19.14 -7.15
C LEU B 177 4.37 20.07 -8.32
N ALA B 178 4.85 21.25 -7.99
CA ALA B 178 4.88 22.36 -8.97
C ALA B 178 5.72 22.02 -10.22
N ASP B 179 6.64 21.08 -10.06
CA ASP B 179 7.58 20.74 -11.13
C ASP B 179 7.05 19.62 -11.99
N LEU B 180 5.92 19.04 -11.59
CA LEU B 180 5.22 18.05 -12.39
C LEU B 180 4.08 18.73 -13.17
N PRO B 181 3.74 18.19 -14.35
CA PRO B 181 2.70 18.81 -15.20
C PRO B 181 1.27 18.47 -14.78
N VAL B 182 0.97 18.78 -13.53
CA VAL B 182 -0.25 18.32 -12.90
C VAL B 182 -1.44 19.09 -13.48
N LYS B 183 -1.20 20.36 -13.75
CA LYS B 183 -2.27 21.23 -14.30
C LYS B 183 -2.77 20.68 -15.62
N GLU B 184 -1.80 20.43 -16.49
CA GLU B 184 -2.06 19.90 -17.82
C GLU B 184 -2.69 18.50 -17.74
N TYR B 185 -2.27 17.74 -16.76
CA TYR B 185 -2.76 16.37 -16.57
C TYR B 185 -4.22 16.41 -16.20
N LEU B 186 -4.57 17.28 -15.27
CA LEU B 186 -5.97 17.40 -14.81
C LEU B 186 -6.89 17.91 -15.92
N LYS B 187 -6.32 18.70 -16.81
CA LYS B 187 -7.04 19.21 -17.96
C LYS B 187 -7.33 18.06 -18.87
N THR B 188 -6.30 17.27 -19.16
CA THR B 188 -6.47 16.01 -19.92
C THR B 188 -7.64 15.18 -19.38
N LEU B 189 -7.74 15.11 -18.06
CA LEU B 189 -8.71 14.22 -17.43
C LEU B 189 -10.08 14.84 -17.38
N SER B 190 -10.12 16.13 -17.65
CA SER B 190 -11.29 16.98 -17.32
C SER B 190 -12.42 16.70 -18.24
N GLU B 191 -12.04 16.18 -19.38
CA GLU B 191 -12.97 15.94 -20.47
C GLU B 191 -13.74 14.64 -20.24
N ARG B 192 -13.21 13.79 -19.39
CA ARG B 192 -13.78 12.46 -19.16
C ARG B 192 -15.07 12.51 -18.30
N PRO B 193 -16.15 11.93 -18.79
CA PRO B 193 -17.40 11.93 -18.06
C PRO B 193 -17.26 11.35 -16.68
N SER B 194 -16.39 10.36 -16.55
CA SER B 194 -16.17 9.73 -15.24
C SER B 194 -15.66 10.73 -14.19
N VAL B 195 -14.67 11.49 -14.62
CA VAL B 195 -13.98 12.45 -13.76
C VAL B 195 -14.98 13.57 -13.44
N GLN B 196 -15.78 13.92 -14.43
CA GLN B 196 -16.77 14.99 -14.22
C GLN B 196 -17.81 14.61 -13.16
N LYS B 197 -18.29 13.37 -13.22
CA LYS B 197 -19.27 12.89 -12.25
C LYS B 197 -18.63 12.83 -10.88
N VAL B 198 -17.43 12.28 -10.85
CA VAL B 198 -16.71 12.06 -9.60
C VAL B 198 -16.48 13.38 -8.88
N ASN B 199 -16.09 14.40 -9.65
CA ASN B 199 -15.75 15.72 -9.06
C ASN B 199 -17.01 16.43 -8.52
N ALA B 200 -18.05 16.38 -9.33
CA ALA B 200 -19.36 16.88 -8.97
C ALA B 200 -19.85 16.27 -7.64
N ASP B 201 -19.80 14.97 -7.56
CA ASP B 201 -20.29 14.28 -6.39
C ASP B 201 -19.36 14.53 -5.21
N ARG B 202 -18.10 14.71 -5.53
CA ARG B 202 -17.09 14.88 -4.47
C ARG B 202 -17.42 16.17 -3.74
N LYS B 203 -17.76 17.17 -4.52
CA LYS B 203 -17.93 18.50 -3.96
C LYS B 203 -19.21 18.51 -3.11
N ALA B 204 -20.24 17.86 -3.65
CA ALA B 204 -21.56 17.82 -2.99
C ALA B 204 -21.38 17.13 -1.64
N ASN B 205 -20.62 16.04 -1.63
CA ASN B 205 -20.44 15.25 -0.41
C ASN B 205 -19.55 15.93 0.63
N THR B 206 -18.60 16.70 0.14
CA THR B 206 -17.65 17.41 1.05
C THR B 206 -18.39 18.44 1.86
N GLU B 207 -19.26 19.14 1.16
CA GLU B 207 -20.12 20.14 1.78
C GLU B 207 -21.06 19.49 2.82
N LEU B 208 -21.62 18.34 2.46
CA LEU B 208 -22.53 17.62 3.35
C LEU B 208 -21.78 17.17 4.58
N LEU B 210 -19.14 18.28 5.91
CA LEU B 210 -18.63 19.37 6.77
C LEU B 210 -19.82 20.03 7.47
N SER B 211 -21.01 19.79 6.93
CA SER B 211 -22.26 20.30 7.55
CA SER B 211 -22.24 20.33 7.56
C SER B 211 -22.58 19.55 8.81
N ARG B 212 -22.14 18.30 8.86
CA ARG B 212 -22.45 17.39 9.98
C ARG B 212 -21.83 17.78 11.33
N ASN B 213 -22.69 17.65 12.34
CA ASN B 213 -22.40 17.95 13.75
C ASN B 213 -21.43 16.91 14.27
N LYS B 214 -21.09 16.01 13.36
CA LYS B 214 -20.16 14.89 13.63
C LYS B 214 -19.02 14.95 12.60
#